data_4H8I
#
_entry.id   4H8I
#
_cell.length_a   102.609
_cell.length_b   102.609
_cell.length_c   282.513
_cell.angle_alpha   90.000
_cell.angle_beta   90.000
_cell.angle_gamma   120.000
#
_symmetry.space_group_name_H-M   'P 61 2 2'
#
loop_
_entity.id
_entity.type
_entity.pdbx_description
1 polymer 'Glutamate receptor, ionotropic kainate 2'
2 non-polymer '(4R)-4-[(2E)-3-{4-[(E)-phenyldiazenyl]phenyl}prop-2-en-1-yl]-L-glutamic acid'
3 non-polymer 'CHLORIDE ION'
4 non-polymer 'SULFATE ION'
5 non-polymer '2-(N-MORPHOLINO)-ETHANESULFONIC ACID'
6 water water
#
_entity_poly.entity_id   1
_entity_poly.type   'polypeptide(L)'
_entity_poly.pdbx_seq_one_letter_code
;GSNRSLIVTTILEEPYVLFKKSDKPLYGNDRFEGYCIDLLRELSTILGFTYEIRLVEDGKYGAQDDVNGQWNGMVRELID
HKADLAVAPLAITYVREKVIDFSKPFMTLGISILYRKGTPIDSADDLAKQTKIEYGAVEDGATMTFFKKSKISTYDKMWA
FMSSRRQSVLVKSNEEGIQRVLTSDYAFLMESTTIEFVTQRNCNLTQIGGLIDSKGYGVGTPMGSPYRDKITIAILQLQE
EGKLHMMKEKWWRGNGCPE
;
_entity_poly.pdbx_strand_id   A,B
#
# COMPACT_ATOMS: atom_id res chain seq x y z
N ASN A 3 -13.65 -27.12 -0.79
CA ASN A 3 -14.76 -26.36 -1.46
C ASN A 3 -15.96 -26.13 -0.55
N ARG A 4 -15.74 -25.41 0.56
CA ARG A 4 -16.81 -24.99 1.48
C ARG A 4 -17.72 -23.97 0.80
N SER A 5 -18.91 -23.75 1.38
CA SER A 5 -19.76 -22.61 0.95
C SER A 5 -19.72 -21.54 2.02
N LEU A 6 -19.18 -20.39 1.68
CA LEU A 6 -18.87 -19.41 2.72
C LEU A 6 -19.95 -18.34 2.77
N ILE A 7 -20.02 -17.63 3.90
CA ILE A 7 -20.85 -16.45 3.98
C ILE A 7 -19.88 -15.29 3.89
N VAL A 8 -20.14 -14.36 2.97
CA VAL A 8 -19.29 -13.20 2.82
C VAL A 8 -20.07 -11.97 3.18
N THR A 9 -19.62 -11.25 4.21
CA THR A 9 -20.20 -9.98 4.57
C THR A 9 -19.57 -8.85 3.76
N THR A 10 -20.37 -7.84 3.42
CA THR A 10 -19.88 -6.67 2.72
C THR A 10 -20.82 -5.49 3.03
N ILE A 11 -20.58 -4.36 2.40
CA ILE A 11 -21.29 -3.16 2.72
C ILE A 11 -21.50 -2.36 1.43
N LEU A 12 -22.62 -1.62 1.31
CA LEU A 12 -22.86 -0.74 0.12
C LEU A 12 -22.00 0.49 0.06
N GLU A 13 -21.17 0.57 -0.97
CA GLU A 13 -20.31 1.74 -1.14
C GLU A 13 -19.77 1.69 -2.56
N GLU A 14 -20.22 2.64 -3.37
CA GLU A 14 -19.79 2.71 -4.77
C GLU A 14 -18.32 3.20 -4.81
N PRO A 15 -17.48 2.65 -5.71
CA PRO A 15 -17.77 1.62 -6.68
C PRO A 15 -17.35 0.23 -6.24
N TYR A 16 -17.19 -0.01 -4.94
CA TYR A 16 -16.75 -1.29 -4.43
C TYR A 16 -17.90 -2.30 -4.50
N VAL A 17 -19.09 -1.86 -4.03
CA VAL A 17 -20.30 -2.70 -3.96
C VAL A 17 -21.52 -1.81 -4.15
N LEU A 18 -22.33 -2.13 -5.14
CA LEU A 18 -23.57 -1.39 -5.39
C LEU A 18 -24.61 -2.39 -5.90
N PHE A 19 -25.89 -2.02 -5.81
CA PHE A 19 -26.93 -2.83 -6.46
C PHE A 19 -26.83 -2.61 -7.96
N LYS A 20 -26.84 -3.71 -8.70
CA LYS A 20 -26.85 -3.68 -10.15
C LYS A 20 -28.18 -3.18 -10.66
N LYS A 21 -28.14 -2.15 -11.52
CA LYS A 21 -29.32 -1.58 -12.16
C LYS A 21 -30.08 -2.64 -12.98
N SER A 22 -31.41 -2.68 -12.84
CA SER A 22 -32.22 -3.70 -13.46
C SER A 22 -33.66 -3.22 -13.50
N ASP A 23 -34.44 -3.65 -14.50
CA ASP A 23 -35.84 -3.35 -14.55
C ASP A 23 -36.65 -4.31 -13.65
N LYS A 24 -36.11 -5.49 -13.33
CA LYS A 24 -36.88 -6.49 -12.58
C LYS A 24 -35.99 -7.05 -11.47
N PRO A 25 -36.59 -7.62 -10.43
CA PRO A 25 -35.76 -8.12 -9.33
C PRO A 25 -34.67 -9.10 -9.80
N LEU A 26 -33.46 -8.90 -9.27
CA LEU A 26 -32.35 -9.84 -9.45
C LEU A 26 -32.26 -10.70 -8.18
N TYR A 27 -31.65 -11.87 -8.31
CA TYR A 27 -31.63 -12.85 -7.24
C TYR A 27 -30.25 -13.01 -6.60
N GLY A 28 -30.21 -13.11 -5.28
CA GLY A 28 -28.99 -13.59 -4.64
C GLY A 28 -27.79 -12.69 -4.92
N ASN A 29 -26.64 -13.30 -5.24
CA ASN A 29 -25.41 -12.52 -5.48
C ASN A 29 -25.50 -11.66 -6.73
N ASP A 30 -26.42 -12.04 -7.62
CA ASP A 30 -26.64 -11.28 -8.86
C ASP A 30 -27.18 -9.86 -8.64
N ARG A 31 -27.63 -9.57 -7.43
CA ARG A 31 -28.12 -8.21 -7.15
C ARG A 31 -27.00 -7.18 -7.09
N PHE A 32 -25.77 -7.65 -6.85
CA PHE A 32 -24.61 -6.77 -6.65
C PHE A 32 -23.64 -6.72 -7.80
N GLU A 33 -22.98 -5.58 -7.94
CA GLU A 33 -21.79 -5.49 -8.79
C GLU A 33 -20.79 -4.55 -8.12
N GLY A 34 -19.60 -4.49 -8.69
CA GLY A 34 -18.61 -3.53 -8.21
C GLY A 34 -17.22 -4.15 -8.09
N TYR A 35 -16.25 -3.30 -7.75
CA TYR A 35 -14.86 -3.78 -7.61
C TYR A 35 -14.72 -4.97 -6.65
N CYS A 36 -15.31 -4.85 -5.47
CA CYS A 36 -15.17 -5.92 -4.47
C CYS A 36 -15.94 -7.17 -4.85
N ILE A 37 -17.00 -7.01 -5.63
CA ILE A 37 -17.72 -8.18 -6.16
C ILE A 37 -16.85 -8.93 -7.18
N ASP A 38 -16.22 -8.20 -8.10
CA ASP A 38 -15.27 -8.80 -9.06
C ASP A 38 -14.12 -9.47 -8.30
N LEU A 39 -13.61 -8.79 -7.27
CA LEU A 39 -12.47 -9.34 -6.50
C LEU A 39 -12.89 -10.64 -5.81
N LEU A 40 -14.07 -10.62 -5.18
CA LEU A 40 -14.57 -11.84 -4.56
C LEU A 40 -14.71 -12.97 -5.59
N ARG A 41 -15.26 -12.69 -6.76
CA ARG A 41 -15.32 -13.73 -7.79
C ARG A 41 -13.93 -14.30 -8.15
N GLU A 42 -12.94 -13.40 -8.32
CA GLU A 42 -11.59 -13.85 -8.72
C GLU A 42 -10.98 -14.73 -7.60
N LEU A 43 -11.22 -14.33 -6.35
CA LEU A 43 -10.73 -15.09 -5.17
C LEU A 43 -11.36 -16.50 -5.11
N SER A 44 -12.68 -16.57 -5.35
CA SER A 44 -13.38 -17.86 -5.35
C SER A 44 -12.92 -18.76 -6.48
N THR A 45 -12.59 -18.17 -7.63
CA THR A 45 -12.04 -18.99 -8.74
C THR A 45 -10.69 -19.63 -8.32
N ILE A 46 -9.80 -18.81 -7.75
CA ILE A 46 -8.48 -19.29 -7.33
C ILE A 46 -8.57 -20.33 -6.19
N LEU A 47 -9.37 -20.03 -5.17
CA LEU A 47 -9.42 -20.89 -3.97
C LEU A 47 -10.45 -22.05 -4.10
N GLY A 48 -11.48 -21.86 -4.90
CA GLY A 48 -12.40 -22.96 -5.20
C GLY A 48 -13.53 -23.04 -4.17
N PHE A 49 -14.22 -21.96 -3.91
CA PHE A 49 -15.35 -21.97 -2.96
C PHE A 49 -16.53 -21.26 -3.60
N THR A 50 -17.75 -21.63 -3.18
CA THR A 50 -18.92 -20.86 -3.52
C THR A 50 -19.28 -20.03 -2.30
N TYR A 51 -20.14 -19.02 -2.46
CA TYR A 51 -20.38 -18.09 -1.37
C TYR A 51 -21.74 -17.40 -1.54
N GLU A 52 -22.28 -16.96 -0.41
CA GLU A 52 -23.46 -16.12 -0.40
C GLU A 52 -23.03 -14.78 0.18
N ILE A 53 -23.27 -13.73 -0.58
CA ILE A 53 -23.03 -12.37 -0.14
C ILE A 53 -24.17 -11.95 0.76
N ARG A 54 -23.84 -11.46 1.95
CA ARG A 54 -24.85 -10.96 2.87
C ARG A 54 -24.43 -9.57 3.28
N LEU A 55 -25.20 -8.53 2.94
CA LEU A 55 -24.85 -7.20 3.44
C LEU A 55 -24.83 -7.20 4.96
N VAL A 56 -23.80 -6.54 5.53
CA VAL A 56 -23.63 -6.54 6.99
C VAL A 56 -24.93 -6.09 7.66
N GLU A 57 -25.34 -6.82 8.70
CA GLU A 57 -26.66 -6.64 9.27
C GLU A 57 -26.90 -5.27 9.91
N ASP A 58 -25.92 -4.72 10.63
CA ASP A 58 -26.10 -3.42 11.24
C ASP A 58 -25.60 -2.28 10.37
N GLY A 59 -25.17 -2.58 9.15
CA GLY A 59 -24.80 -1.54 8.18
C GLY A 59 -23.48 -0.79 8.43
N LYS A 60 -22.63 -1.30 9.33
CA LYS A 60 -21.43 -0.56 9.77
C LYS A 60 -20.13 -1.26 9.38
N TYR A 61 -19.02 -0.51 9.34
CA TYR A 61 -17.72 -1.12 9.01
C TYR A 61 -17.16 -1.88 10.20
N GLY A 62 -17.07 -1.21 11.34
CA GLY A 62 -16.60 -1.87 12.54
C GLY A 62 -15.82 -0.93 13.42
N ALA A 63 -16.41 -0.53 14.55
CA ALA A 63 -15.73 0.25 15.54
C ALA A 63 -16.05 -0.31 16.93
N GLN A 64 -15.25 0.09 17.91
CA GLN A 64 -15.31 -0.53 19.20
C GLN A 64 -15.98 0.47 20.12
N ASP A 65 -17.04 0.03 20.79
CA ASP A 65 -17.75 0.87 21.79
C ASP A 65 -16.82 1.17 22.97
N ASP A 66 -16.43 2.43 23.16
CA ASP A 66 -15.39 2.69 24.17
C ASP A 66 -15.89 2.60 25.62
N VAL A 67 -17.21 2.57 25.81
CA VAL A 67 -17.79 2.22 27.12
C VAL A 67 -17.66 0.70 27.38
N ASN A 68 -18.30 -0.14 26.55
CA ASN A 68 -18.38 -1.59 26.85
C ASN A 68 -17.43 -2.53 26.10
N GLY A 69 -16.53 -1.95 25.30
CA GLY A 69 -15.51 -2.71 24.60
C GLY A 69 -15.99 -3.51 23.38
N GLN A 70 -17.31 -3.59 23.17
CA GLN A 70 -17.90 -4.41 22.09
C GLN A 70 -17.66 -3.84 20.68
N TRP A 71 -17.41 -4.73 19.72
CA TRP A 71 -17.31 -4.37 18.33
C TRP A 71 -18.69 -4.38 17.64
N ASN A 72 -18.83 -3.62 16.56
CA ASN A 72 -19.98 -3.71 15.69
C ASN A 72 -19.55 -3.98 14.25
N GLY A 73 -20.52 -3.97 13.32
CA GLY A 73 -20.20 -3.99 11.91
C GLY A 73 -19.66 -5.31 11.40
N MET A 74 -18.97 -5.25 10.28
CA MET A 74 -18.38 -6.42 9.69
C MET A 74 -17.34 -6.99 10.61
N VAL A 75 -16.65 -6.14 11.38
CA VAL A 75 -15.63 -6.70 12.30
C VAL A 75 -16.29 -7.65 13.31
N ARG A 76 -17.39 -7.18 13.91
CA ARG A 76 -18.10 -8.01 14.89
C ARG A 76 -18.64 -9.27 14.24
N GLU A 77 -19.14 -9.18 13.01
CA GLU A 77 -19.67 -10.38 12.35
C GLU A 77 -18.57 -11.46 12.22
N LEU A 78 -17.36 -11.03 11.89
CA LEU A 78 -16.22 -11.96 11.83
C LEU A 78 -15.85 -12.47 13.19
N ILE A 79 -15.75 -11.59 14.17
CA ILE A 79 -15.41 -12.03 15.49
C ILE A 79 -16.38 -13.13 15.94
N ASP A 80 -17.66 -12.97 15.61
CA ASP A 80 -18.67 -13.90 16.12
C ASP A 80 -18.89 -15.07 15.18
N HIS A 81 -18.14 -15.10 14.08
CA HIS A 81 -18.21 -16.22 13.16
C HIS A 81 -19.59 -16.25 12.50
N LYS A 82 -20.16 -15.08 12.23
CA LYS A 82 -21.41 -14.92 11.47
C LYS A 82 -21.10 -14.75 10.00
N ALA A 83 -19.86 -14.42 9.67
CA ALA A 83 -19.41 -14.48 8.29
C ALA A 83 -18.04 -15.16 8.25
N ASP A 84 -17.69 -15.76 7.11
CA ASP A 84 -16.36 -16.34 6.88
C ASP A 84 -15.34 -15.32 6.39
N LEU A 85 -15.79 -14.37 5.57
CA LEU A 85 -14.93 -13.33 4.95
C LEU A 85 -15.69 -12.04 4.92
N ALA A 86 -14.96 -10.93 5.03
CA ALA A 86 -15.51 -9.62 4.74
C ALA A 86 -14.73 -9.11 3.57
N VAL A 87 -15.41 -8.83 2.45
CA VAL A 87 -14.72 -8.33 1.25
C VAL A 87 -15.35 -6.99 0.95
N ALA A 88 -14.64 -5.93 1.29
CA ALA A 88 -15.19 -4.57 1.31
C ALA A 88 -14.06 -3.55 1.37
N PRO A 89 -14.37 -2.24 1.21
CA PRO A 89 -13.29 -1.26 1.43
C PRO A 89 -13.08 -1.06 2.93
N LEU A 90 -12.63 -2.11 3.59
CA LEU A 90 -12.47 -2.14 5.02
C LEU A 90 -11.00 -1.88 5.33
N ALA A 91 -10.70 -0.72 5.97
CA ALA A 91 -9.29 -0.33 6.26
C ALA A 91 -8.63 -1.24 7.27
N ILE A 92 -7.38 -1.63 6.94
CA ILE A 92 -6.57 -2.42 7.85
C ILE A 92 -5.99 -1.44 8.87
N THR A 93 -6.40 -1.55 10.12
CA THR A 93 -5.92 -0.62 11.13
C THR A 93 -5.39 -1.44 12.27
N TYR A 94 -4.58 -0.79 13.11
CA TYR A 94 -4.02 -1.41 14.29
C TYR A 94 -5.08 -2.07 15.18
N VAL A 95 -6.13 -1.32 15.52
CA VAL A 95 -7.11 -1.84 16.50
C VAL A 95 -7.92 -3.00 15.90
N ARG A 96 -8.20 -2.98 14.60
CA ARG A 96 -8.93 -4.08 14.00
C ARG A 96 -8.08 -5.31 13.81
N GLU A 97 -6.81 -5.12 13.43
CA GLU A 97 -5.91 -6.27 13.21
C GLU A 97 -5.68 -7.04 14.52
N LYS A 98 -5.82 -6.35 15.64
CA LYS A 98 -5.75 -7.05 16.91
C LYS A 98 -6.90 -8.05 17.19
N VAL A 99 -8.03 -7.91 16.52
CA VAL A 99 -9.21 -8.73 16.86
C VAL A 99 -9.69 -9.65 15.73
N ILE A 100 -9.30 -9.34 14.47
CA ILE A 100 -9.54 -10.25 13.35
C ILE A 100 -8.21 -10.43 12.56
N ASP A 101 -8.23 -11.31 11.57
CA ASP A 101 -7.07 -11.56 10.70
C ASP A 101 -7.31 -10.97 9.28
N PHE A 102 -6.54 -9.98 8.88
CA PHE A 102 -6.74 -9.38 7.56
C PHE A 102 -5.78 -10.05 6.60
N SER A 103 -6.23 -10.27 5.37
CA SER A 103 -5.30 -10.58 4.28
C SER A 103 -4.35 -9.37 4.07
N LYS A 104 -3.34 -9.57 3.24
CA LYS A 104 -2.54 -8.44 2.80
C LYS A 104 -3.42 -7.53 1.96
N PRO A 105 -3.02 -6.26 1.83
CA PRO A 105 -3.94 -5.34 1.15
C PRO A 105 -4.10 -5.60 -0.32
N PHE A 106 -5.35 -5.44 -0.81
CA PHE A 106 -5.61 -5.51 -2.24
C PHE A 106 -5.64 -4.12 -2.87
N MET A 107 -5.57 -3.08 -2.03
CA MET A 107 -5.56 -1.68 -2.53
C MET A 107 -4.91 -0.84 -1.47
N THR A 108 -4.19 0.19 -1.87
CA THR A 108 -3.50 1.05 -0.91
C THR A 108 -4.04 2.46 -1.09
N LEU A 109 -4.12 3.23 -0.01
CA LEU A 109 -4.82 4.50 -0.07
C LEU A 109 -4.40 5.38 1.12
N GLY A 110 -5.04 6.53 1.28
CA GLY A 110 -4.83 7.37 2.46
C GLY A 110 -6.01 8.32 2.65
N ILE A 111 -6.15 8.87 3.84
CA ILE A 111 -7.14 9.92 4.09
C ILE A 111 -6.76 11.14 3.28
N SER A 112 -7.76 11.76 2.65
CA SER A 112 -7.54 13.07 2.06
C SER A 112 -8.79 13.95 2.24
N ILE A 113 -8.88 15.02 1.46
CA ILE A 113 -9.94 16.02 1.66
C ILE A 113 -10.70 16.20 0.35
N LEU A 114 -12.02 16.08 0.45
CA LEU A 114 -12.92 16.37 -0.67
C LEU A 114 -13.51 17.76 -0.49
N TYR A 115 -13.42 18.57 -1.55
CA TYR A 115 -13.87 19.98 -1.52
C TYR A 115 -14.17 20.54 -2.92
N ARG A 116 -14.68 21.77 -2.97
CA ARG A 116 -14.90 22.54 -4.23
C ARG A 116 -13.60 22.94 -4.94
N LYS A 117 -13.63 22.99 -6.28
CA LYS A 117 -12.42 23.12 -7.15
C LYS A 117 -11.49 24.34 -7.00
N GLY A 118 -12.01 25.54 -7.22
CA GLY A 118 -11.12 26.72 -7.34
C GLY A 118 -11.12 27.64 -6.15
N THR A 119 -10.73 27.12 -4.98
CA THR A 119 -10.70 27.93 -3.74
C THR A 119 -9.26 28.10 -3.23
N PRO A 120 -9.04 29.07 -2.30
CA PRO A 120 -7.72 29.21 -1.67
C PRO A 120 -7.21 28.03 -0.81
N ILE A 121 -8.09 27.11 -0.38
CA ILE A 121 -7.66 25.97 0.46
C ILE A 121 -6.72 24.99 -0.29
N ASP A 122 -5.63 24.60 0.37
CA ASP A 122 -4.64 23.70 -0.25
C ASP A 122 -4.11 22.56 0.62
N SER A 123 -4.57 22.47 1.86
CA SER A 123 -4.11 21.42 2.79
C SER A 123 -4.97 21.32 4.06
N ALA A 124 -4.73 20.28 4.84
CA ALA A 124 -5.35 20.13 6.15
C ALA A 124 -4.99 21.30 7.07
N ASP A 125 -3.78 21.82 6.92
CA ASP A 125 -3.37 22.96 7.74
C ASP A 125 -4.27 24.18 7.45
N ASP A 126 -4.52 24.45 6.18
CA ASP A 126 -5.39 25.55 5.74
C ASP A 126 -6.78 25.49 6.36
N LEU A 127 -7.35 24.28 6.45
CA LEU A 127 -8.65 24.10 7.12
C LEU A 127 -8.56 24.19 8.65
N ALA A 128 -7.49 23.62 9.21
CA ALA A 128 -7.27 23.60 10.65
C ALA A 128 -7.14 24.99 11.24
N LYS A 129 -6.52 25.90 10.49
CA LYS A 129 -6.29 27.31 10.87
C LYS A 129 -7.58 28.06 11.21
N GLN A 130 -8.62 27.86 10.41
CA GLN A 130 -9.85 28.65 10.49
C GLN A 130 -11.07 27.84 10.93
N THR A 131 -12.16 28.55 11.22
CA THR A 131 -13.43 27.93 11.66
C THR A 131 -14.57 28.28 10.69
N LYS A 132 -14.25 29.09 9.70
CA LYS A 132 -15.23 29.65 8.75
C LYS A 132 -15.79 28.61 7.78
N ILE A 133 -14.91 27.79 7.20
CA ILE A 133 -15.30 26.64 6.40
C ILE A 133 -15.41 25.42 7.33
N GLU A 134 -16.57 24.80 7.38
CA GLU A 134 -16.77 23.61 8.21
C GLU A 134 -16.20 22.36 7.52
N TYR A 135 -15.95 21.32 8.32
CA TYR A 135 -15.33 20.09 7.84
C TYR A 135 -15.52 18.94 8.82
N GLY A 136 -15.61 17.72 8.30
CA GLY A 136 -15.83 16.55 9.14
C GLY A 136 -15.57 15.25 8.40
N ALA A 137 -16.05 14.16 9.00
CA ALA A 137 -15.88 12.82 8.47
C ALA A 137 -17.12 12.03 8.82
N VAL A 138 -17.19 10.80 8.33
CA VAL A 138 -18.27 9.90 8.69
C VAL A 138 -18.03 9.40 10.12
N GLU A 139 -19.02 9.60 10.98
CA GLU A 139 -19.04 9.03 12.33
C GLU A 139 -18.65 7.54 12.37
N ASP A 140 -17.67 7.21 13.20
CA ASP A 140 -17.28 5.82 13.50
C ASP A 140 -16.56 5.01 12.40
N GLY A 141 -16.08 5.67 11.36
CA GLY A 141 -15.20 5.00 10.37
C GLY A 141 -13.74 5.16 10.78
N ALA A 142 -12.86 4.46 10.07
CA ALA A 142 -11.43 4.55 10.33
C ALA A 142 -10.90 5.98 10.20
N THR A 143 -11.47 6.76 9.28
CA THR A 143 -11.02 8.14 9.08
C THR A 143 -11.32 8.97 10.33
N MET A 144 -12.56 8.93 10.82
CA MET A 144 -12.87 9.65 12.07
C MET A 144 -12.00 9.16 13.24
N THR A 145 -11.90 7.83 13.39
CA THR A 145 -11.08 7.19 14.43
C THR A 145 -9.62 7.70 14.42
N PHE A 146 -9.07 7.93 13.23
CA PHE A 146 -7.72 8.48 13.06
C PHE A 146 -7.54 9.84 13.72
N PHE A 147 -8.43 10.79 13.42
CA PHE A 147 -8.35 12.13 14.05
C PHE A 147 -8.53 12.07 15.56
N LYS A 148 -9.47 11.25 16.02
CA LYS A 148 -9.80 11.13 17.46
C LYS A 148 -8.60 10.67 18.27
N LYS A 149 -7.80 9.78 17.67
CA LYS A 149 -6.64 9.20 18.35
C LYS A 149 -5.32 9.93 18.10
N SER A 150 -5.28 10.79 17.08
CA SER A 150 -4.03 11.43 16.64
C SER A 150 -3.42 12.39 17.65
N LYS A 151 -2.13 12.24 17.90
CA LYS A 151 -1.36 13.18 18.71
C LYS A 151 -0.71 14.23 17.79
N ILE A 152 -0.70 13.97 16.48
CA ILE A 152 -0.11 14.89 15.49
C ILE A 152 -0.80 16.25 15.53
N SER A 153 0.00 17.32 15.45
CA SER A 153 -0.43 18.70 15.77
C SER A 153 -1.73 19.16 15.12
N THR A 154 -1.73 19.17 13.79
CA THR A 154 -2.83 19.72 13.00
C THR A 154 -4.10 18.89 13.20
N TYR A 155 -3.92 17.58 13.40
CA TYR A 155 -5.02 16.62 13.39
C TYR A 155 -5.75 16.46 14.74
N ASP A 156 -5.04 16.69 15.84
CA ASP A 156 -5.66 16.90 17.17
C ASP A 156 -6.48 18.21 17.16
N LYS A 157 -5.92 19.24 16.53
CA LYS A 157 -6.60 20.52 16.33
C LYS A 157 -7.86 20.39 15.47
N MET A 158 -7.77 19.61 14.39
CA MET A 158 -8.94 19.32 13.58
C MET A 158 -9.97 18.50 14.36
N TRP A 159 -9.50 17.58 15.18
CA TRP A 159 -10.39 16.75 16.00
C TRP A 159 -11.17 17.57 17.05
N ALA A 160 -10.52 18.55 17.66
CA ALA A 160 -11.20 19.43 18.62
C ALA A 160 -12.42 20.11 17.98
N PHE A 161 -12.19 20.67 16.79
CA PHE A 161 -13.24 21.26 15.96
C PHE A 161 -14.40 20.27 15.71
N MET A 162 -14.06 19.05 15.31
CA MET A 162 -15.02 17.99 15.03
C MET A 162 -15.71 17.47 16.29
N SER A 163 -14.90 17.21 17.32
CA SER A 163 -15.33 16.60 18.57
C SER A 163 -16.40 17.45 19.27
N SER A 164 -16.16 18.77 19.33
CA SER A 164 -17.08 19.73 19.95
C SER A 164 -18.29 20.09 19.05
N ARG A 165 -18.28 19.58 17.80
CA ARG A 165 -19.38 19.80 16.86
C ARG A 165 -19.93 18.49 16.30
N ARG A 166 -19.89 17.42 17.11
CA ARG A 166 -20.24 16.04 16.69
C ARG A 166 -21.55 15.95 15.91
N GLN A 167 -22.55 16.69 16.41
CA GLN A 167 -23.91 16.67 15.85
C GLN A 167 -24.03 17.32 14.47
N SER A 168 -23.36 18.45 14.24
CA SER A 168 -23.33 19.04 12.89
C SER A 168 -22.31 18.34 11.96
N VAL A 169 -21.02 18.68 12.08
CA VAL A 169 -19.98 18.28 11.09
C VAL A 169 -19.70 16.77 10.84
N LEU A 170 -20.04 15.91 11.79
CA LEU A 170 -19.93 14.47 11.55
C LEU A 170 -21.18 13.97 10.86
N VAL A 171 -21.00 13.25 9.76
CA VAL A 171 -22.13 12.74 8.97
C VAL A 171 -22.32 11.22 9.17
N LYS A 172 -23.39 10.64 8.61
CA LYS A 172 -23.68 9.21 8.81
C LYS A 172 -23.21 8.30 7.70
N SER A 173 -22.95 8.88 6.52
CA SER A 173 -22.50 8.13 5.36
C SER A 173 -21.70 8.98 4.38
N ASN A 174 -21.08 8.31 3.41
CA ASN A 174 -20.48 8.98 2.27
C ASN A 174 -21.53 9.69 1.41
N GLU A 175 -22.65 9.03 1.09
CA GLU A 175 -23.77 9.69 0.40
C GLU A 175 -24.06 11.04 1.07
N GLU A 176 -24.03 11.09 2.40
CA GLU A 176 -24.40 12.34 3.12
C GLU A 176 -23.26 13.39 3.13
N GLY A 177 -22.03 12.92 3.23
CA GLY A 177 -20.86 13.82 3.18
C GLY A 177 -20.76 14.56 1.86
N ILE A 178 -20.81 13.79 0.76
CA ILE A 178 -20.76 14.33 -0.59
C ILE A 178 -21.85 15.39 -0.80
N GLN A 179 -23.05 15.09 -0.32
CA GLN A 179 -24.18 16.01 -0.43
C GLN A 179 -23.93 17.31 0.32
N ARG A 180 -23.36 17.17 1.50
CA ARG A 180 -22.95 18.31 2.31
C ARG A 180 -21.86 19.19 1.63
N VAL A 181 -20.86 18.56 1.00
CA VAL A 181 -19.88 19.31 0.21
C VAL A 181 -20.58 20.09 -0.89
N LEU A 182 -21.44 19.39 -1.64
CA LEU A 182 -22.14 19.98 -2.79
C LEU A 182 -23.11 21.13 -2.47
N THR A 183 -23.71 21.12 -1.28
CA THR A 183 -24.79 22.09 -0.99
C THR A 183 -24.49 23.04 0.17
N SER A 184 -23.30 22.95 0.74
CA SER A 184 -22.89 23.93 1.77
C SER A 184 -21.39 24.21 1.64
N ASP A 185 -20.86 25.03 2.54
CA ASP A 185 -19.42 25.29 2.57
C ASP A 185 -18.71 24.33 3.52
N TYR A 186 -18.37 23.14 3.01
CA TYR A 186 -17.95 22.03 3.83
C TYR A 186 -16.88 21.21 3.10
N ALA A 187 -15.86 20.80 3.84
CA ALA A 187 -14.84 19.88 3.32
C ALA A 187 -14.96 18.52 4.00
N PHE A 188 -14.85 17.46 3.19
CA PHE A 188 -15.16 16.13 3.68
C PHE A 188 -13.89 15.30 3.76
N LEU A 189 -13.61 14.79 4.95
CA LEU A 189 -12.43 13.97 5.18
C LEU A 189 -12.80 12.52 4.90
N MET A 190 -12.07 11.92 3.97
CA MET A 190 -12.55 10.74 3.25
C MET A 190 -11.34 9.98 2.66
N GLU A 191 -11.48 8.69 2.40
CA GLU A 191 -10.38 7.91 1.85
C GLU A 191 -10.18 8.25 0.38
N SER A 192 -8.90 8.37 -0.01
CA SER A 192 -8.49 8.87 -1.32
C SER A 192 -9.03 8.08 -2.53
N THR A 193 -9.19 6.77 -2.37
CA THR A 193 -9.74 5.92 -3.43
C THR A 193 -11.19 6.34 -3.70
N THR A 194 -11.95 6.65 -2.63
CA THR A 194 -13.35 7.02 -2.81
C THR A 194 -13.42 8.42 -3.42
N ILE A 195 -12.49 9.29 -2.98
CA ILE A 195 -12.40 10.64 -3.53
C ILE A 195 -12.14 10.56 -5.02
N GLU A 196 -11.23 9.69 -5.44
CA GLU A 196 -10.88 9.60 -6.85
C GLU A 196 -12.10 9.14 -7.70
N PHE A 197 -12.98 8.32 -7.11
CA PHE A 197 -14.21 7.92 -7.81
C PHE A 197 -15.17 9.09 -7.90
N VAL A 198 -15.37 9.79 -6.78
CA VAL A 198 -16.29 10.95 -6.75
C VAL A 198 -15.88 12.06 -7.70
N THR A 199 -14.56 12.34 -7.77
CA THR A 199 -14.11 13.50 -8.56
C THR A 199 -14.14 13.26 -10.07
N GLN A 200 -14.20 12.00 -10.48
CA GLN A 200 -14.48 11.66 -11.87
C GLN A 200 -16.00 11.67 -12.20
N ARG A 201 -16.84 12.12 -11.26
CA ARG A 201 -18.30 12.18 -11.47
C ARG A 201 -18.86 13.56 -11.21
N ASN A 202 -18.58 14.10 -10.03
CA ASN A 202 -18.93 15.47 -9.70
C ASN A 202 -17.76 16.36 -10.12
N CYS A 203 -17.86 16.86 -11.34
CA CYS A 203 -16.77 17.58 -12.00
C CYS A 203 -16.42 18.94 -11.37
N ASN A 204 -17.21 19.38 -10.40
CA ASN A 204 -16.94 20.62 -9.66
C ASN A 204 -16.24 20.40 -8.31
N LEU A 205 -15.89 19.14 -8.02
CA LEU A 205 -15.20 18.78 -6.79
C LEU A 205 -13.76 18.32 -7.05
N THR A 206 -12.94 18.37 -6.00
CA THR A 206 -11.55 17.97 -6.11
C THR A 206 -10.99 17.45 -4.79
N GLN A 207 -9.93 16.64 -4.89
CA GLN A 207 -9.12 16.28 -3.74
C GLN A 207 -8.25 17.47 -3.39
N ILE A 208 -8.16 17.77 -2.10
CA ILE A 208 -7.32 18.88 -1.62
C ILE A 208 -6.13 18.31 -0.89
N GLY A 209 -4.93 18.65 -1.36
CA GLY A 209 -3.70 18.21 -0.68
C GLY A 209 -3.32 16.80 -1.07
N GLY A 210 -2.33 16.25 -0.40
CA GLY A 210 -1.95 14.85 -0.65
C GLY A 210 -2.71 13.87 0.24
N LEU A 211 -2.18 12.66 0.35
CA LEU A 211 -2.68 11.69 1.32
C LEU A 211 -2.17 12.12 2.68
N ILE A 212 -3.04 12.11 3.67
CA ILE A 212 -2.64 12.49 5.03
C ILE A 212 -2.00 11.31 5.80
N ASP A 213 -2.30 10.09 5.37
CA ASP A 213 -1.66 8.93 5.95
C ASP A 213 -1.59 7.84 4.90
N SER A 214 -1.30 6.62 5.35
CA SER A 214 -1.19 5.50 4.43
C SER A 214 -1.84 4.30 5.05
N LYS A 215 -2.66 3.60 4.28
CA LYS A 215 -3.24 2.36 4.73
C LYS A 215 -3.71 1.51 3.55
N GLY A 216 -4.06 0.26 3.82
CA GLY A 216 -4.64 -0.58 2.78
C GLY A 216 -6.03 -1.10 3.14
N TYR A 217 -6.76 -1.55 2.13
CA TYR A 217 -7.94 -2.37 2.38
C TYR A 217 -7.53 -3.84 2.28
N GLY A 218 -8.05 -4.65 3.18
CA GLY A 218 -7.75 -6.09 3.16
C GLY A 218 -9.06 -6.84 3.34
N VAL A 219 -9.05 -8.11 2.96
CA VAL A 219 -10.17 -9.00 3.23
C VAL A 219 -10.08 -9.39 4.67
N GLY A 220 -11.20 -9.29 5.41
CA GLY A 220 -11.18 -9.65 6.82
C GLY A 220 -11.58 -11.09 6.97
N THR A 221 -10.97 -11.79 7.93
CA THR A 221 -11.38 -13.13 8.32
C THR A 221 -11.37 -13.23 9.84
N PRO A 222 -12.11 -14.21 10.42
CA PRO A 222 -11.99 -14.32 11.85
C PRO A 222 -10.57 -14.70 12.26
N MET A 223 -10.17 -14.29 13.46
CA MET A 223 -8.85 -14.66 14.00
C MET A 223 -8.67 -16.18 13.88
N GLY A 224 -7.54 -16.62 13.33
CA GLY A 224 -7.23 -18.03 13.27
C GLY A 224 -7.70 -18.68 11.97
N SER A 225 -8.38 -17.93 11.11
CA SER A 225 -8.96 -18.53 9.91
C SER A 225 -7.90 -19.07 8.94
N PRO A 226 -8.08 -20.30 8.44
CA PRO A 226 -7.21 -20.80 7.39
C PRO A 226 -7.38 -20.08 6.05
N TYR A 227 -8.46 -19.32 5.86
CA TYR A 227 -8.58 -18.60 4.60
C TYR A 227 -7.65 -17.39 4.52
N ARG A 228 -7.20 -16.87 5.66
CA ARG A 228 -6.51 -15.60 5.58
C ARG A 228 -5.22 -15.67 4.72
N ASP A 229 -4.40 -16.67 4.97
CA ASP A 229 -3.15 -16.80 4.20
C ASP A 229 -3.39 -17.20 2.75
N LYS A 230 -4.43 -17.99 2.51
CA LYS A 230 -4.72 -18.43 1.15
C LYS A 230 -5.20 -17.24 0.32
N ILE A 231 -5.95 -16.37 1.00
CA ILE A 231 -6.44 -15.16 0.33
C ILE A 231 -5.31 -14.20 0.05
N THR A 232 -4.41 -14.02 1.00
CA THR A 232 -3.23 -13.16 0.77
C THR A 232 -2.51 -13.69 -0.48
N ILE A 233 -2.31 -14.99 -0.55
CA ILE A 233 -1.55 -15.54 -1.69
C ILE A 233 -2.29 -15.34 -3.01
N ALA A 234 -3.61 -15.51 -2.99
CA ALA A 234 -4.41 -15.28 -4.20
C ALA A 234 -4.35 -13.78 -4.59
N ILE A 235 -4.41 -12.90 -3.60
CA ILE A 235 -4.27 -11.43 -3.91
C ILE A 235 -2.95 -11.11 -4.60
N LEU A 236 -1.87 -11.66 -4.06
CA LEU A 236 -0.57 -11.45 -4.69
C LEU A 236 -0.56 -11.98 -6.10
N GLN A 237 -1.18 -13.13 -6.35
CA GLN A 237 -1.24 -13.66 -7.72
C GLN A 237 -1.97 -12.66 -8.63
N LEU A 238 -3.14 -12.19 -8.17
CA LEU A 238 -3.94 -11.25 -8.99
C LEU A 238 -3.18 -9.94 -9.22
N GLN A 239 -2.44 -9.47 -8.20
CA GLN A 239 -1.66 -8.25 -8.38
CA GLN A 239 -1.62 -8.27 -8.28
C GLN A 239 -0.61 -8.47 -9.42
N GLU A 240 0.13 -9.57 -9.33
CA GLU A 240 1.20 -9.82 -10.28
C GLU A 240 0.72 -10.14 -11.68
N GLU A 241 -0.51 -10.65 -11.84
CA GLU A 241 -1.07 -10.89 -13.19
C GLU A 241 -1.62 -9.64 -13.83
N GLY A 242 -1.63 -8.52 -13.12
CA GLY A 242 -2.22 -7.28 -13.68
C GLY A 242 -3.74 -7.18 -13.42
N LYS A 243 -4.32 -8.18 -12.78
CA LYS A 243 -5.79 -8.23 -12.66
C LYS A 243 -6.36 -7.16 -11.70
N LEU A 244 -5.69 -6.89 -10.57
CA LEU A 244 -6.16 -5.85 -9.64
C LEU A 244 -6.17 -4.52 -10.33
N HIS A 245 -5.14 -4.26 -11.14
CA HIS A 245 -5.06 -3.01 -11.88
C HIS A 245 -6.20 -2.86 -12.92
N MET A 246 -6.44 -3.92 -13.67
CA MET A 246 -7.52 -3.96 -14.64
C MET A 246 -8.90 -3.70 -13.95
N MET A 247 -9.09 -4.34 -12.83
CA MET A 247 -10.35 -4.16 -12.04
C MET A 247 -10.52 -2.73 -11.53
N LYS A 248 -9.43 -2.12 -11.04
CA LYS A 248 -9.45 -0.71 -10.68
C LYS A 248 -9.79 0.21 -11.85
N GLU A 249 -9.14 0.02 -13.01
CA GLU A 249 -9.49 0.79 -14.20
C GLU A 249 -10.97 0.59 -14.60
N LYS A 250 -11.47 -0.64 -14.50
CA LYS A 250 -12.87 -0.93 -14.89
C LYS A 250 -13.79 -0.05 -14.02
N TRP A 251 -13.54 -0.03 -12.70
CA TRP A 251 -14.52 0.55 -11.75
C TRP A 251 -14.34 2.06 -11.50
N TRP A 252 -13.15 2.59 -11.83
CA TRP A 252 -12.88 4.00 -11.56
C TRP A 252 -12.92 4.84 -12.83
N ARG A 253 -12.80 4.20 -13.98
CA ARG A 253 -13.14 4.82 -15.30
C ARG A 253 -14.29 5.80 -15.15
N GLY A 254 -13.98 7.03 -14.72
CA GLY A 254 -14.99 8.07 -14.55
C GLY A 254 -15.72 8.32 -15.85
N ASN A 255 -17.00 8.68 -15.75
CA ASN A 255 -17.86 8.91 -16.91
C ASN A 255 -17.45 10.11 -17.77
N GLY A 256 -16.14 10.26 -17.94
CA GLY A 256 -15.54 11.37 -18.68
C GLY A 256 -15.72 12.69 -17.97
N CYS A 257 -14.78 13.04 -17.11
CA CYS A 257 -14.85 14.31 -16.37
C CYS A 257 -13.86 15.32 -17.00
N PRO A 258 -14.38 16.33 -17.74
CA PRO A 258 -13.54 17.34 -18.40
C PRO A 258 -12.56 18.04 -17.46
N ASN B 3 12.80 -14.95 26.12
CA ASN B 3 14.13 -14.45 26.60
C ASN B 3 15.30 -14.59 25.59
N ARG B 4 15.14 -15.48 24.62
CA ARG B 4 16.17 -15.77 23.63
C ARG B 4 16.25 -14.58 22.65
N SER B 5 17.46 -14.09 22.38
CA SER B 5 17.63 -13.04 21.39
C SER B 5 17.31 -13.59 20.01
N LEU B 6 16.82 -12.73 19.14
CA LEU B 6 16.50 -13.12 17.80
C LEU B 6 17.70 -12.92 16.85
N ILE B 7 17.83 -13.79 15.86
CA ILE B 7 18.85 -13.59 14.81
C ILE B 7 18.13 -12.86 13.67
N VAL B 8 18.65 -11.72 13.24
CA VAL B 8 18.00 -10.94 12.18
C VAL B 8 18.95 -10.96 10.99
N THR B 9 18.48 -11.55 9.87
CA THR B 9 19.28 -11.50 8.66
C THR B 9 18.91 -10.22 7.88
N THR B 10 19.92 -9.64 7.23
CA THR B 10 19.72 -8.43 6.46
C THR B 10 20.80 -8.34 5.38
N ILE B 11 20.80 -7.26 4.61
CA ILE B 11 21.71 -7.13 3.52
C ILE B 11 22.04 -5.66 3.37
N LEU B 12 23.28 -5.37 2.98
CA LEU B 12 23.65 -4.00 2.76
C LEU B 12 22.88 -3.43 1.55
N GLU B 13 22.24 -2.27 1.74
CA GLU B 13 21.45 -1.63 0.67
C GLU B 13 21.12 -0.24 1.15
N GLU B 14 21.68 0.77 0.51
CA GLU B 14 21.42 2.16 0.93
C GLU B 14 20.02 2.59 0.51
N PRO B 15 19.29 3.35 1.39
CA PRO B 15 19.61 3.82 2.76
C PRO B 15 18.92 2.93 3.82
N TYR B 16 18.66 1.68 3.47
CA TYR B 16 17.99 0.77 4.39
C TYR B 16 18.95 0.23 5.45
N VAL B 17 20.15 -0.19 5.01
CA VAL B 17 21.14 -0.82 5.90
C VAL B 17 22.51 -0.45 5.34
N LEU B 18 23.29 0.27 6.15
CA LEU B 18 24.66 0.61 5.81
C LEU B 18 25.55 0.54 7.05
N PHE B 19 26.86 0.48 6.84
CA PHE B 19 27.78 0.71 7.97
C PHE B 19 27.79 2.19 8.28
N LYS B 20 27.61 2.50 9.56
CA LYS B 20 27.60 3.85 10.08
C LYS B 20 29.02 4.36 10.10
N LYS B 21 29.22 5.59 9.62
CA LYS B 21 30.50 6.30 9.76
C LYS B 21 30.43 7.21 10.98
N SER B 22 31.44 7.13 11.83
CA SER B 22 31.39 7.82 13.10
C SER B 22 32.81 7.93 13.63
N ASP B 23 33.08 9.03 14.32
CA ASP B 23 34.39 9.18 14.95
C ASP B 23 34.37 8.41 16.27
N LYS B 24 33.18 8.15 16.82
CA LYS B 24 33.05 7.44 18.09
C LYS B 24 33.10 5.91 17.90
N PRO B 25 33.59 5.18 18.92
CA PRO B 25 33.66 3.70 18.87
C PRO B 25 32.26 3.09 18.83
N LEU B 26 32.03 2.22 17.85
CA LEU B 26 30.76 1.51 17.74
C LEU B 26 31.02 0.02 17.88
N TYR B 27 30.10 -0.67 18.54
CA TYR B 27 30.18 -2.11 18.76
C TYR B 27 28.94 -2.84 18.28
N GLY B 28 29.16 -4.04 17.72
CA GLY B 28 28.06 -4.96 17.44
C GLY B 28 27.04 -4.41 16.51
N ASN B 29 25.76 -4.54 16.90
CA ASN B 29 24.68 -3.97 16.09
C ASN B 29 24.82 -2.46 15.82
N ASP B 30 25.44 -1.71 16.74
CA ASP B 30 25.56 -0.24 16.59
C ASP B 30 26.41 0.18 15.42
N ARG B 31 27.11 -0.79 14.81
CA ARG B 31 27.92 -0.51 13.64
C ARG B 31 27.06 -0.23 12.41
N PHE B 32 25.77 -0.58 12.46
CA PHE B 32 24.85 -0.39 11.33
C PHE B 32 23.89 0.79 11.55
N GLU B 33 23.47 1.41 10.45
CA GLU B 33 22.42 2.41 10.49
C GLU B 33 21.55 2.29 9.22
N GLY B 34 20.44 3.02 9.24
CA GLY B 34 19.58 3.07 8.08
C GLY B 34 18.11 2.90 8.43
N TYR B 35 17.27 3.06 7.44
CA TYR B 35 15.83 2.91 7.66
C TYR B 35 15.42 1.58 8.32
N CYS B 36 15.98 0.48 7.83
CA CYS B 36 15.63 -0.82 8.30
C CYS B 36 16.20 -1.06 9.69
N ILE B 37 17.34 -0.46 9.99
CA ILE B 37 17.90 -0.52 11.35
C ILE B 37 17.01 0.24 12.36
N ASP B 38 16.57 1.45 12.00
CA ASP B 38 15.60 2.20 12.81
C ASP B 38 14.32 1.41 12.99
N LEU B 39 13.85 0.74 11.92
CA LEU B 39 12.60 -0.05 12.01
C LEU B 39 12.79 -1.22 13.00
N LEU B 40 13.90 -1.95 12.85
CA LEU B 40 14.22 -3.05 13.76
C LEU B 40 14.29 -2.59 15.22
N ARG B 41 14.95 -1.46 15.47
CA ARG B 41 15.01 -0.93 16.83
C ARG B 41 13.59 -0.60 17.39
N GLU B 42 12.73 0.02 16.58
CA GLU B 42 11.33 0.31 17.03
C GLU B 42 10.59 -0.99 17.33
N LEU B 43 10.75 -1.97 16.46
CA LEU B 43 10.09 -3.28 16.63
C LEU B 43 10.57 -3.96 17.91
N SER B 44 11.88 -3.92 18.16
CA SER B 44 12.37 -4.54 19.33
C SER B 44 11.88 -3.82 20.61
N THR B 45 11.69 -2.49 20.55
CA THR B 45 11.14 -1.75 21.71
C THR B 45 9.66 -2.12 21.94
N ILE B 46 8.90 -2.19 20.85
CA ILE B 46 7.48 -2.45 20.97
C ILE B 46 7.23 -3.89 21.44
N LEU B 47 7.91 -4.84 20.81
CA LEU B 47 7.70 -6.24 21.12
C LEU B 47 8.53 -6.75 22.32
N GLY B 48 9.61 -6.04 22.65
CA GLY B 48 10.44 -6.37 23.81
C GLY B 48 11.32 -7.58 23.51
N PHE B 49 12.08 -7.55 22.42
CA PHE B 49 13.04 -8.63 22.17
C PHE B 49 14.42 -8.01 21.97
N THR B 50 15.45 -8.82 22.19
CA THR B 50 16.82 -8.40 21.84
C THR B 50 17.22 -9.16 20.57
N TYR B 51 18.31 -8.76 19.92
CA TYR B 51 18.60 -9.33 18.61
C TYR B 51 20.08 -9.21 18.22
N GLU B 52 20.45 -9.99 17.22
CA GLU B 52 21.76 -9.88 16.60
C GLU B 52 21.58 -9.73 15.10
N ILE B 53 22.17 -8.68 14.52
CA ILE B 53 22.10 -8.50 13.07
C ILE B 53 23.23 -9.30 12.39
N ARG B 54 22.91 -10.00 11.30
CA ARG B 54 23.86 -10.78 10.51
C ARG B 54 23.64 -10.47 9.03
N LEU B 55 24.72 -10.27 8.29
CA LEU B 55 24.65 -9.98 6.86
C LEU B 55 24.59 -11.30 6.12
N VAL B 56 23.59 -11.42 5.24
CA VAL B 56 23.33 -12.68 4.55
C VAL B 56 24.54 -13.26 3.76
N GLU B 57 24.78 -14.56 3.89
CA GLU B 57 26.01 -15.18 3.38
C GLU B 57 26.22 -15.10 1.89
N ASP B 58 25.15 -15.04 1.07
CA ASP B 58 25.37 -15.10 -0.40
C ASP B 58 25.00 -13.77 -1.06
N GLY B 59 24.77 -12.76 -0.22
CA GLY B 59 24.44 -11.41 -0.69
C GLY B 59 23.20 -11.32 -1.57
N LYS B 60 22.19 -12.14 -1.29
CA LYS B 60 20.98 -12.16 -2.14
C LYS B 60 19.75 -11.97 -1.29
N TYR B 61 18.70 -11.43 -1.90
CA TYR B 61 17.42 -11.28 -1.19
C TYR B 61 16.73 -12.63 -1.08
N GLY B 62 16.57 -13.33 -2.19
CA GLY B 62 15.96 -14.68 -2.17
C GLY B 62 15.18 -15.02 -3.44
N ALA B 63 15.65 -16.02 -4.17
CA ALA B 63 15.00 -16.47 -5.37
C ALA B 63 15.11 -17.98 -5.37
N GLN B 64 14.26 -18.60 -6.17
CA GLN B 64 14.18 -20.03 -6.22
C GLN B 64 14.85 -20.49 -7.50
N ASP B 65 15.66 -21.52 -7.38
CA ASP B 65 16.34 -22.10 -8.51
C ASP B 65 15.33 -22.78 -9.45
N ASP B 66 15.39 -22.45 -10.73
CA ASP B 66 14.41 -22.95 -11.70
C ASP B 66 14.58 -24.44 -12.02
N VAL B 67 15.69 -25.04 -11.60
CA VAL B 67 15.90 -26.47 -11.86
C VAL B 67 15.65 -27.36 -10.64
N ASN B 68 16.21 -26.99 -9.48
CA ASN B 68 16.15 -27.90 -8.34
C ASN B 68 15.24 -27.42 -7.23
N GLY B 69 14.63 -26.26 -7.42
CA GLY B 69 13.65 -25.74 -6.49
C GLY B 69 14.17 -25.16 -5.17
N GLN B 70 15.50 -25.07 -4.99
CA GLN B 70 16.08 -24.54 -3.76
C GLN B 70 16.10 -23.02 -3.75
N TRP B 71 15.95 -22.46 -2.55
CA TRP B 71 16.00 -21.03 -2.36
C TRP B 71 17.42 -20.57 -1.95
N ASN B 72 17.69 -19.28 -2.16
CA ASN B 72 18.91 -18.66 -1.67
C ASN B 72 18.58 -17.42 -0.85
N GLY B 73 19.63 -16.67 -0.48
CA GLY B 73 19.44 -15.39 0.16
C GLY B 73 18.80 -15.44 1.54
N MET B 74 18.16 -14.34 1.90
CA MET B 74 17.50 -14.21 3.22
C MET B 74 16.30 -15.14 3.33
N VAL B 75 15.62 -15.38 2.21
CA VAL B 75 14.46 -16.28 2.17
C VAL B 75 14.91 -17.69 2.62
N ARG B 76 16.03 -18.17 2.07
CA ARG B 76 16.58 -19.45 2.49
C ARG B 76 16.94 -19.49 4.00
N GLU B 77 17.54 -18.41 4.50
CA GLU B 77 17.89 -18.34 5.94
C GLU B 77 16.63 -18.54 6.80
N LEU B 78 15.51 -17.94 6.39
CA LEU B 78 14.21 -18.14 7.10
C LEU B 78 13.68 -19.54 6.97
N ILE B 79 13.67 -20.08 5.74
CA ILE B 79 13.18 -21.44 5.51
C ILE B 79 13.91 -22.45 6.41
N ASP B 80 15.23 -22.28 6.52
CA ASP B 80 16.10 -23.19 7.28
C ASP B 80 16.09 -22.88 8.78
N HIS B 81 15.30 -21.88 9.18
CA HIS B 81 15.25 -21.45 10.58
C HIS B 81 16.61 -20.97 11.13
N LYS B 82 17.44 -20.42 10.26
CA LYS B 82 18.72 -19.83 10.67
C LYS B 82 18.55 -18.40 11.10
N ALA B 83 17.48 -17.75 10.65
CA ALA B 83 17.16 -16.43 11.14
C ALA B 83 15.70 -16.42 11.60
N ASP B 84 15.41 -15.57 12.59
CA ASP B 84 14.06 -15.38 13.06
C ASP B 84 13.31 -14.34 12.24
N LEU B 85 14.02 -13.28 11.80
CA LEU B 85 13.45 -12.22 11.00
C LEU B 85 14.40 -11.88 9.90
N ALA B 86 13.85 -11.42 8.76
CA ALA B 86 14.64 -10.75 7.75
C ALA B 86 14.11 -9.33 7.68
N VAL B 87 14.95 -8.34 8.03
CA VAL B 87 14.51 -6.94 8.07
C VAL B 87 15.32 -6.23 6.97
N ALA B 88 14.69 -6.03 5.83
CA ALA B 88 15.36 -5.50 4.66
C ALA B 88 14.23 -5.07 3.70
N PRO B 89 14.56 -4.44 2.57
CA PRO B 89 13.46 -4.07 1.62
C PRO B 89 13.16 -5.28 0.75
N LEU B 90 12.61 -6.28 1.41
CA LEU B 90 12.33 -7.57 0.79
C LEU B 90 10.91 -7.49 0.20
N ALA B 91 10.79 -7.51 -1.14
CA ALA B 91 9.44 -7.40 -1.74
C ALA B 91 8.55 -8.59 -1.39
N ILE B 92 7.31 -8.30 -1.02
CA ILE B 92 6.32 -9.34 -0.77
C ILE B 92 5.78 -9.78 -2.10
N THR B 93 6.18 -10.99 -2.53
CA THR B 93 5.74 -11.51 -3.83
C THR B 93 5.06 -12.87 -3.64
N TYR B 94 4.27 -13.26 -4.65
CA TYR B 94 3.53 -14.51 -4.58
C TYR B 94 4.48 -15.70 -4.27
N VAL B 95 5.56 -15.83 -5.08
CA VAL B 95 6.47 -17.01 -4.95
C VAL B 95 7.12 -17.09 -3.54
N ARG B 96 7.50 -15.94 -2.98
CA ARG B 96 8.06 -15.90 -1.63
C ARG B 96 7.02 -16.12 -0.54
N GLU B 97 5.82 -15.55 -0.71
CA GLU B 97 4.82 -15.63 0.37
C GLU B 97 4.36 -17.07 0.50
N LYS B 98 4.49 -17.87 -0.57
CA LYS B 98 4.19 -19.28 -0.43
C LYS B 98 5.15 -20.09 0.45
N VAL B 99 6.36 -19.57 0.68
CA VAL B 99 7.38 -20.34 1.43
C VAL B 99 7.80 -19.73 2.77
N ILE B 100 7.59 -18.42 2.98
CA ILE B 100 7.82 -17.80 4.27
C ILE B 100 6.57 -16.97 4.68
N ASP B 101 6.57 -16.44 5.89
CA ASP B 101 5.44 -15.59 6.37
C ASP B 101 5.89 -14.12 6.43
N PHE B 102 5.34 -13.27 5.58
CA PHE B 102 5.70 -11.87 5.62
C PHE B 102 4.82 -11.10 6.59
N SER B 103 5.36 -10.08 7.27
CA SER B 103 4.47 -9.13 7.99
C SER B 103 3.75 -8.33 6.88
N LYS B 104 2.76 -7.55 7.25
CA LYS B 104 2.20 -6.56 6.33
C LYS B 104 3.29 -5.53 5.94
N PRO B 105 3.09 -4.82 4.83
CA PRO B 105 4.19 -4.00 4.30
C PRO B 105 4.48 -2.76 5.17
N PHE B 106 5.75 -2.49 5.39
CA PHE B 106 6.14 -1.24 6.04
C PHE B 106 6.31 -0.11 5.03
N MET B 107 6.34 -0.46 3.75
CA MET B 107 6.45 0.54 2.71
C MET B 107 5.76 -0.03 1.47
N THR B 108 5.06 0.80 0.71
CA THR B 108 4.35 0.35 -0.50
C THR B 108 4.80 1.21 -1.66
N LEU B 109 5.02 0.59 -2.82
CA LEU B 109 5.78 1.25 -3.89
C LEU B 109 5.43 0.58 -5.23
N GLY B 110 6.20 0.88 -6.28
CA GLY B 110 5.92 0.27 -7.57
C GLY B 110 7.03 0.63 -8.51
N ILE B 111 7.03 -0.01 -9.66
CA ILE B 111 8.00 0.36 -10.67
C ILE B 111 7.59 1.77 -11.19
N SER B 112 8.56 2.63 -11.47
CA SER B 112 8.27 3.86 -12.15
C SER B 112 9.44 4.24 -13.05
N ILE B 113 9.45 5.47 -13.54
CA ILE B 113 10.38 5.94 -14.57
C ILE B 113 11.18 7.14 -14.04
N LEU B 114 12.49 7.05 -14.17
CA LEU B 114 13.42 8.16 -13.86
C LEU B 114 13.82 8.84 -15.15
N TYR B 115 13.69 10.16 -15.21
CA TYR B 115 14.02 10.86 -16.42
C TYR B 115 14.34 12.30 -15.99
N ARG B 116 14.86 13.09 -16.93
CA ARG B 116 15.14 14.47 -16.64
C ARG B 116 13.85 15.30 -16.67
N LYS B 117 13.87 16.42 -15.94
CA LYS B 117 12.76 17.36 -15.89
C LYS B 117 12.68 18.19 -17.15
N GLY B 118 11.46 18.65 -17.45
CA GLY B 118 11.26 19.69 -18.43
C GLY B 118 10.81 19.23 -19.79
N THR B 119 10.54 17.95 -19.94
CA THR B 119 10.23 17.42 -21.26
C THR B 119 8.72 17.21 -21.36
N PRO B 120 8.21 16.97 -22.59
CA PRO B 120 6.80 16.64 -22.66
C PRO B 120 6.49 15.18 -22.31
N ILE B 121 7.50 14.32 -22.08
CA ILE B 121 7.24 12.91 -21.70
C ILE B 121 6.55 12.84 -20.32
N ASP B 122 5.40 12.16 -20.27
CA ASP B 122 4.56 12.17 -19.07
C ASP B 122 4.11 10.78 -18.58
N SER B 123 4.40 9.74 -19.36
CA SER B 123 4.00 8.37 -18.99
C SER B 123 4.79 7.31 -19.74
N ALA B 124 4.62 6.06 -19.32
CA ALA B 124 5.21 4.92 -20.01
C ALA B 124 4.79 4.93 -21.47
N ASP B 125 3.53 5.25 -21.73
CA ASP B 125 3.05 5.21 -23.12
C ASP B 125 3.74 6.21 -24.03
N ASP B 126 4.08 7.37 -23.49
CA ASP B 126 4.84 8.38 -24.22
C ASP B 126 6.20 7.84 -24.68
N LEU B 127 6.85 7.03 -23.84
CA LEU B 127 8.09 6.39 -24.25
C LEU B 127 7.88 5.25 -25.22
N ALA B 128 6.86 4.44 -24.98
CA ALA B 128 6.60 3.24 -25.76
C ALA B 128 6.42 3.54 -27.25
N LYS B 129 5.75 4.65 -27.55
CA LYS B 129 5.37 4.95 -28.93
C LYS B 129 6.35 5.85 -29.67
N GLN B 130 7.60 5.86 -29.19
CA GLN B 130 8.69 6.53 -29.86
C GLN B 130 9.98 5.71 -29.77
N THR B 131 11.01 6.11 -30.50
CA THR B 131 12.28 5.37 -30.50
C THR B 131 13.50 6.26 -30.30
N LYS B 132 13.31 7.58 -30.45
CA LYS B 132 14.34 8.59 -30.23
C LYS B 132 14.94 8.56 -28.81
N ILE B 133 14.06 8.60 -27.79
CA ILE B 133 14.47 8.49 -26.39
C ILE B 133 14.59 7.03 -26.03
N GLU B 134 15.80 6.61 -25.69
CA GLU B 134 16.02 5.24 -25.26
C GLU B 134 15.65 5.06 -23.80
N TYR B 135 15.34 3.82 -23.40
CA TYR B 135 14.89 3.54 -22.02
C TYR B 135 15.25 2.09 -21.70
N GLY B 136 15.49 1.81 -20.43
CA GLY B 136 16.00 0.49 -20.07
C GLY B 136 15.86 0.26 -18.59
N ALA B 137 16.57 -0.73 -18.11
CA ALA B 137 16.38 -1.23 -16.73
C ALA B 137 17.60 -2.09 -16.41
N VAL B 138 17.79 -2.46 -15.14
CA VAL B 138 18.84 -3.46 -14.78
C VAL B 138 18.50 -4.81 -15.38
N GLU B 139 19.45 -5.44 -16.07
CA GLU B 139 19.20 -6.73 -16.73
C GLU B 139 18.90 -7.84 -15.70
N ASP B 140 17.86 -8.66 -15.94
CA ASP B 140 17.49 -9.80 -15.06
C ASP B 140 17.02 -9.36 -13.66
N GLY B 141 16.59 -8.11 -13.55
CA GLY B 141 16.04 -7.64 -12.28
C GLY B 141 14.54 -7.77 -12.26
N ALA B 142 13.95 -7.50 -11.10
CA ALA B 142 12.50 -7.60 -10.94
C ALA B 142 11.78 -6.64 -11.89
N THR B 143 12.35 -5.46 -12.13
CA THR B 143 11.72 -4.52 -13.06
C THR B 143 11.59 -5.10 -14.46
N MET B 144 12.67 -5.69 -14.97
CA MET B 144 12.62 -6.48 -16.23
C MET B 144 11.65 -7.61 -16.29
N THR B 145 11.59 -8.39 -15.22
CA THR B 145 10.64 -9.49 -15.13
C THR B 145 9.22 -8.98 -15.41
N PHE B 146 8.86 -7.84 -14.80
CA PHE B 146 7.52 -7.29 -14.95
C PHE B 146 7.23 -7.08 -16.44
N PHE B 147 8.14 -6.40 -17.13
CA PHE B 147 7.89 -6.04 -18.53
C PHE B 147 7.75 -7.25 -19.43
N LYS B 148 8.59 -8.24 -19.17
CA LYS B 148 8.57 -9.48 -19.93
C LYS B 148 7.25 -10.24 -19.78
N LYS B 149 6.60 -10.14 -18.63
CA LYS B 149 5.40 -10.96 -18.41
C LYS B 149 4.11 -10.19 -18.64
N SER B 150 4.19 -8.87 -18.66
CA SER B 150 3.00 -8.04 -18.81
C SER B 150 2.26 -8.31 -20.10
N LYS B 151 0.94 -8.36 -20.02
CA LYS B 151 0.14 -8.52 -21.23
C LYS B 151 -0.45 -7.18 -21.67
N ILE B 152 -0.09 -6.10 -20.96
CA ILE B 152 -0.57 -4.77 -21.30
C ILE B 152 0.14 -4.31 -22.57
N SER B 153 -0.63 -3.78 -23.52
CA SER B 153 -0.09 -3.37 -24.83
C SER B 153 1.16 -2.48 -24.74
N THR B 154 1.09 -1.44 -23.91
CA THR B 154 2.21 -0.52 -23.72
C THR B 154 3.46 -1.22 -23.18
N TYR B 155 3.28 -2.08 -22.18
CA TYR B 155 4.41 -2.74 -21.54
C TYR B 155 4.98 -3.81 -22.46
N ASP B 156 4.10 -4.42 -23.26
CA ASP B 156 4.57 -5.37 -24.27
C ASP B 156 5.51 -4.72 -25.34
N LYS B 157 5.16 -3.52 -25.83
CA LYS B 157 6.01 -2.80 -26.78
C LYS B 157 7.34 -2.49 -26.11
N MET B 158 7.27 -2.06 -24.85
CA MET B 158 8.46 -1.63 -24.12
C MET B 158 9.42 -2.80 -23.96
N TRP B 159 8.89 -3.97 -23.60
CA TRP B 159 9.71 -5.16 -23.47
C TRP B 159 10.37 -5.56 -24.79
N ALA B 160 9.61 -5.48 -25.87
CA ALA B 160 10.09 -5.83 -27.20
C ALA B 160 11.26 -4.93 -27.59
N PHE B 161 11.14 -3.63 -27.31
CA PHE B 161 12.23 -2.66 -27.48
C PHE B 161 13.46 -2.96 -26.62
N MET B 162 13.25 -3.09 -25.31
CA MET B 162 14.36 -3.32 -24.40
C MET B 162 15.06 -4.65 -24.65
N SER B 163 14.26 -5.68 -24.91
CA SER B 163 14.77 -7.00 -25.22
C SER B 163 15.65 -7.05 -26.47
N SER B 164 15.09 -6.61 -27.61
CA SER B 164 15.81 -6.58 -28.87
C SER B 164 17.04 -5.65 -28.81
N ARG B 165 16.90 -4.49 -28.16
CA ARG B 165 18.01 -3.50 -28.03
C ARG B 165 18.82 -3.68 -26.72
N ARG B 166 18.89 -4.92 -26.19
CA ARG B 166 19.42 -5.10 -24.83
C ARG B 166 20.86 -4.66 -24.64
N GLN B 167 21.68 -4.82 -25.68
CA GLN B 167 23.09 -4.42 -25.61
C GLN B 167 23.21 -2.90 -25.48
N SER B 168 22.27 -2.18 -26.09
CA SER B 168 22.23 -0.72 -26.11
C SER B 168 21.57 -0.10 -24.91
N VAL B 169 20.54 -0.74 -24.37
CA VAL B 169 19.72 -0.11 -23.33
C VAL B 169 19.64 -0.75 -21.95
N LEU B 170 19.98 -2.03 -21.82
CA LEU B 170 19.98 -2.63 -20.49
C LEU B 170 21.35 -2.46 -19.85
N VAL B 171 21.37 -2.30 -18.53
CA VAL B 171 22.61 -2.08 -17.78
C VAL B 171 22.76 -3.12 -16.66
N LYS B 172 23.95 -3.19 -16.06
CA LYS B 172 24.22 -4.20 -15.03
C LYS B 172 23.90 -3.67 -13.61
N SER B 173 23.72 -2.37 -13.48
CA SER B 173 23.48 -1.78 -12.17
C SER B 173 22.66 -0.50 -12.29
N ASN B 174 21.88 -0.21 -11.26
CA ASN B 174 21.16 1.04 -11.16
C ASN B 174 22.09 2.23 -11.35
N GLU B 175 23.28 2.18 -10.75
N GLU B 175 23.27 2.15 -10.73
CA GLU B 175 24.15 3.34 -10.87
CA GLU B 175 24.28 3.19 -10.83
C GLU B 175 24.55 3.65 -12.33
C GLU B 175 24.53 3.60 -12.29
N GLU B 176 24.80 2.63 -13.14
CA GLU B 176 25.09 2.85 -14.56
C GLU B 176 23.88 3.50 -15.25
N GLY B 177 22.67 3.03 -14.93
CA GLY B 177 21.44 3.60 -15.51
C GLY B 177 21.20 5.06 -15.09
N ILE B 178 21.37 5.35 -13.81
CA ILE B 178 21.17 6.74 -13.33
C ILE B 178 22.16 7.66 -14.02
N GLN B 179 23.44 7.27 -14.03
CA GLN B 179 24.45 8.12 -14.70
C GLN B 179 24.16 8.35 -16.17
N ARG B 180 23.53 7.38 -16.82
CA ARG B 180 23.11 7.49 -18.22
CA ARG B 180 23.09 7.50 -18.22
C ARG B 180 21.93 8.49 -18.39
N VAL B 181 20.99 8.48 -17.45
CA VAL B 181 19.87 9.46 -17.49
C VAL B 181 20.46 10.88 -17.43
N LEU B 182 21.49 11.03 -16.59
CA LEU B 182 22.12 12.35 -16.40
C LEU B 182 22.89 12.88 -17.60
N THR B 183 23.44 12.00 -18.44
CA THR B 183 24.33 12.45 -19.53
C THR B 183 23.75 12.29 -20.94
N SER B 184 22.59 11.67 -21.08
CA SER B 184 22.14 11.29 -22.41
C SER B 184 20.62 11.25 -22.44
N ASP B 185 20.05 11.11 -23.62
CA ASP B 185 18.59 11.12 -23.77
C ASP B 185 18.01 9.73 -23.50
N TYR B 186 17.85 9.43 -22.22
CA TYR B 186 17.62 8.07 -21.71
C TYR B 186 16.73 8.13 -20.47
N ALA B 187 15.77 7.22 -20.37
CA ALA B 187 14.92 7.08 -19.21
C ALA B 187 15.16 5.70 -18.60
N PHE B 188 15.03 5.62 -17.29
CA PHE B 188 15.43 4.41 -16.61
C PHE B 188 14.31 3.89 -15.72
N LEU B 189 14.04 2.59 -15.82
CA LEU B 189 12.92 2.02 -15.08
C LEU B 189 13.48 1.34 -13.85
N MET B 190 12.95 1.69 -12.68
CA MET B 190 13.28 0.97 -11.44
C MET B 190 12.24 1.21 -10.35
N GLU B 191 12.49 0.70 -9.16
CA GLU B 191 11.51 0.85 -8.08
C GLU B 191 11.42 2.34 -7.72
N SER B 192 10.20 2.78 -7.40
CA SER B 192 9.94 4.16 -7.05
C SER B 192 10.65 4.65 -5.77
N THR B 193 10.88 3.75 -4.80
CA THR B 193 11.70 4.07 -3.63
C THR B 193 13.09 4.51 -4.06
N THR B 194 13.71 3.75 -4.97
CA THR B 194 15.03 4.12 -5.47
C THR B 194 14.99 5.39 -6.29
N ILE B 195 13.94 5.56 -7.08
CA ILE B 195 13.79 6.81 -7.84
C ILE B 195 13.70 8.01 -6.89
N GLU B 196 12.93 7.88 -5.82
CA GLU B 196 12.82 8.98 -4.88
C GLU B 196 14.17 9.31 -4.22
N PHE B 197 14.94 8.29 -3.86
CA PHE B 197 16.25 8.53 -3.28
C PHE B 197 17.11 9.32 -4.26
N VAL B 198 17.08 8.94 -5.53
CA VAL B 198 17.82 9.62 -6.60
C VAL B 198 17.33 11.07 -6.84
N THR B 199 16.01 11.25 -6.90
CA THR B 199 15.52 12.57 -7.27
C THR B 199 15.69 13.58 -6.11
N GLN B 200 15.73 13.07 -4.88
CA GLN B 200 16.07 13.94 -3.77
C GLN B 200 17.50 14.44 -3.86
N ARG B 201 18.35 13.74 -4.57
CA ARG B 201 19.74 14.13 -4.64
C ARG B 201 20.13 14.66 -6.02
N ASN B 202 19.22 14.66 -6.98
CA ASN B 202 19.58 15.09 -8.34
C ASN B 202 18.44 15.96 -8.80
N CYS B 203 18.60 17.27 -8.63
CA CYS B 203 17.46 18.19 -8.71
C CYS B 203 16.89 18.36 -10.11
N ASN B 204 17.76 18.00 -11.07
N ASN B 204 17.62 17.99 -11.16
CA ASN B 204 17.52 17.96 -12.52
CA ASN B 204 16.99 18.09 -12.48
C ASN B 204 16.80 16.68 -13.04
C ASN B 204 16.38 16.79 -12.99
N LEU B 205 16.38 15.78 -12.12
CA LEU B 205 15.73 14.52 -12.46
C LEU B 205 14.36 14.44 -11.80
N THR B 206 13.49 13.61 -12.33
CA THR B 206 12.14 13.45 -11.78
C THR B 206 11.59 12.08 -12.10
N GLN B 207 10.60 11.65 -11.30
CA GLN B 207 9.80 10.50 -11.67
C GLN B 207 8.79 10.95 -12.75
N ILE B 208 8.59 10.10 -13.77
CA ILE B 208 7.62 10.34 -14.84
C ILE B 208 6.45 9.39 -14.61
N GLY B 209 5.26 9.98 -14.52
CA GLY B 209 4.01 9.24 -14.42
C GLY B 209 3.90 8.66 -13.02
N GLY B 210 3.01 7.71 -12.85
CA GLY B 210 2.86 7.15 -11.53
C GLY B 210 3.51 5.80 -11.44
N LEU B 211 2.91 4.94 -10.63
CA LEU B 211 3.41 3.61 -10.35
C LEU B 211 2.83 2.66 -11.38
N ILE B 212 3.70 1.80 -11.91
CA ILE B 212 3.34 0.93 -13.01
C ILE B 212 2.79 -0.35 -12.45
N ASP B 213 3.31 -0.80 -11.32
CA ASP B 213 2.65 -1.91 -10.64
C ASP B 213 2.54 -1.56 -9.13
N SER B 214 2.28 -2.53 -8.28
CA SER B 214 2.15 -2.18 -6.87
C SER B 214 2.72 -3.35 -6.08
N LYS B 215 3.60 -3.06 -5.13
CA LYS B 215 4.08 -4.09 -4.20
C LYS B 215 4.57 -3.45 -2.94
N GLY B 216 4.77 -4.24 -1.89
CA GLY B 216 5.18 -3.72 -0.60
C GLY B 216 6.49 -4.41 -0.18
N TYR B 217 7.30 -3.76 0.66
CA TYR B 217 8.36 -4.45 1.37
C TYR B 217 7.83 -4.91 2.70
N GLY B 218 8.16 -6.12 3.10
CA GLY B 218 7.74 -6.58 4.42
C GLY B 218 8.88 -7.24 5.16
N VAL B 219 8.71 -7.40 6.46
CA VAL B 219 9.64 -8.20 7.26
C VAL B 219 9.34 -9.68 7.03
N GLY B 220 10.36 -10.45 6.71
CA GLY B 220 10.14 -11.90 6.56
C GLY B 220 10.31 -12.65 7.86
N THR B 221 9.50 -13.72 8.02
CA THR B 221 9.68 -14.65 9.13
C THR B 221 9.49 -16.05 8.57
N PRO B 222 9.99 -17.09 9.27
CA PRO B 222 9.75 -18.44 8.85
C PRO B 222 8.27 -18.73 8.85
N MET B 223 7.85 -19.64 7.98
CA MET B 223 6.45 -20.03 7.96
C MET B 223 6.02 -20.53 9.34
N GLY B 224 4.89 -20.01 9.85
CA GLY B 224 4.37 -20.44 11.16
C GLY B 224 4.93 -19.61 12.31
N SER B 225 5.77 -18.63 12.03
CA SER B 225 6.42 -17.89 13.13
C SER B 225 5.41 -17.13 13.99
N PRO B 226 5.57 -17.19 15.34
CA PRO B 226 4.65 -16.44 16.21
C PRO B 226 4.91 -14.94 16.12
N TYR B 227 6.06 -14.55 15.56
CA TYR B 227 6.37 -13.12 15.46
C TYR B 227 5.69 -12.40 14.32
N ARG B 228 5.29 -13.13 13.29
CA ARG B 228 4.78 -12.45 12.12
C ARG B 228 3.61 -11.51 12.47
N ASP B 229 2.61 -12.02 13.17
CA ASP B 229 1.43 -11.20 13.46
C ASP B 229 1.76 -10.05 14.43
N LYS B 230 2.67 -10.32 15.39
CA LYS B 230 3.09 -9.29 16.30
C LYS B 230 3.75 -8.15 15.58
N ILE B 231 4.57 -8.49 14.58
CA ILE B 231 5.33 -7.50 13.85
C ILE B 231 4.40 -6.72 12.93
N THR B 232 3.45 -7.42 12.31
CA THR B 232 2.36 -6.72 11.60
C THR B 232 1.69 -5.66 12.47
N ILE B 233 1.31 -6.04 13.67
CA ILE B 233 0.58 -5.11 14.53
C ILE B 233 1.47 -3.94 14.94
N ALA B 234 2.75 -4.20 15.18
CA ALA B 234 3.72 -3.12 15.51
C ALA B 234 3.90 -2.15 14.33
N ILE B 235 3.96 -2.70 13.13
CA ILE B 235 4.10 -1.88 11.94
C ILE B 235 2.86 -0.99 11.75
N LEU B 236 1.65 -1.56 11.95
CA LEU B 236 0.44 -0.73 11.85
C LEU B 236 0.44 0.40 12.91
N GLN B 237 0.86 0.10 14.13
CA GLN B 237 1.00 1.11 15.19
C GLN B 237 1.94 2.24 14.73
N LEU B 238 3.11 1.85 14.23
CA LEU B 238 4.12 2.81 13.76
C LEU B 238 3.61 3.67 12.59
N GLN B 239 2.88 3.05 11.66
N GLN B 239 2.88 3.03 11.69
CA GLN B 239 2.30 3.78 10.52
CA GLN B 239 2.30 3.70 10.53
C GLN B 239 1.34 4.83 11.03
C GLN B 239 1.31 4.76 10.97
N GLU B 240 0.43 4.40 11.91
CA GLU B 240 -0.62 5.28 12.37
C GLU B 240 -0.11 6.44 13.21
N GLU B 241 0.98 6.20 13.94
CA GLU B 241 1.61 7.25 14.72
C GLU B 241 2.43 8.22 13.87
N GLY B 242 2.56 7.94 12.59
CA GLY B 242 3.38 8.79 11.70
C GLY B 242 4.88 8.46 11.78
N LYS B 243 5.24 7.41 12.51
CA LYS B 243 6.66 7.07 12.72
C LYS B 243 7.34 6.54 11.47
N LEU B 244 6.65 5.71 10.70
CA LEU B 244 7.26 5.22 9.49
C LEU B 244 7.45 6.35 8.47
N HIS B 245 6.50 7.28 8.42
CA HIS B 245 6.65 8.42 7.51
C HIS B 245 7.89 9.29 7.92
N MET B 246 8.01 9.56 9.21
CA MET B 246 9.15 10.31 9.74
C MET B 246 10.53 9.59 9.40
N MET B 247 10.57 8.28 9.57
CA MET B 247 11.75 7.46 9.21
C MET B 247 12.08 7.53 7.72
N LYS B 248 11.06 7.41 6.87
CA LYS B 248 11.24 7.54 5.46
C LYS B 248 11.83 8.91 5.12
N GLU B 249 11.27 9.97 5.67
CA GLU B 249 11.77 11.30 5.40
C GLU B 249 13.23 11.46 5.86
N LYS B 250 13.54 10.92 7.03
CA LYS B 250 14.89 11.02 7.63
C LYS B 250 15.92 10.41 6.64
N TRP B 251 15.63 9.23 6.11
CA TRP B 251 16.62 8.49 5.28
C TRP B 251 16.59 8.88 3.79
N TRP B 252 15.49 9.44 3.30
CA TRP B 252 15.36 9.85 1.87
C TRP B 252 15.64 11.31 1.59
N ARG B 253 15.39 12.20 2.56
CA ARG B 253 15.51 13.64 2.27
C ARG B 253 16.95 14.04 1.87
N GLY B 254 17.10 14.86 0.85
CA GLY B 254 18.42 15.28 0.44
C GLY B 254 18.60 16.71 0.90
N ASN B 255 19.62 17.39 0.39
CA ASN B 255 19.90 18.78 0.75
C ASN B 255 18.96 19.84 0.13
N GLY B 256 17.76 19.41 -0.29
CA GLY B 256 16.76 20.32 -0.84
C GLY B 256 16.96 20.67 -2.32
N CYS B 257 15.85 20.85 -3.02
CA CYS B 257 15.84 21.26 -4.41
C CYS B 257 14.82 22.41 -4.56
N PRO B 258 15.11 23.42 -5.38
CA PRO B 258 13.98 24.34 -5.62
C PRO B 258 12.74 23.63 -6.19
#